data_1WZD
#
_entry.id   1WZD
#
_cell.length_a   41.257
_cell.length_b   63.009
_cell.length_c   78.159
_cell.angle_alpha   90.00
_cell.angle_beta   98.52
_cell.angle_gamma   90.00
#
_symmetry.space_group_name_H-M   'P 1 21 1'
#
loop_
_entity.id
_entity.type
_entity.pdbx_description
1 polymer 'Heme oxygenase'
2 non-polymer 'SULFATE ION'
3 non-polymer "[[2,2'-[4-CARBOXYETHYL-1,2-PHENYLENEBIS(NITRILOMETHYLIDYNE)]BIS[PHENOLATO]](2-)-N,N',O,O']-IRON"
4 non-polymer GLYCEROL
5 water water
#
_entity_poly.entity_id   1
_entity_poly.type   'polypeptide(L)'
_entity_poly.pdbx_seq_one_letter_code
;MTTATAGLAVELKQSTAQAHEKAEHSTFMSDLLKGRLGVAEFTRLQEQAWLFYTALEQAVDAVRASGFAESLLDPALNRA
EVLARDLDKLNGSSEWRSRITASPAVIDYVNRLEEIRDNVDGPALVAHHYVRYLGDLSGGQVIARMMQRHYGVDPEALGF
YHFEGIAKLKVYKDEYREKLNNLELSDEQREHLLKEATDAFVFNHQVFADLGKGL
;
_entity_poly.pdbx_strand_id   A,B
#
# COMPACT_ATOMS: atom_id res chain seq x y z
N GLY A 7 35.05 21.01 2.09
CA GLY A 7 34.66 19.59 2.14
C GLY A 7 33.63 19.25 1.08
N LEU A 8 33.92 18.19 0.30
CA LEU A 8 33.05 17.77 -0.79
C LEU A 8 31.65 17.38 -0.33
N ALA A 9 31.57 16.72 0.81
CA ALA A 9 30.29 16.24 1.33
C ALA A 9 29.32 17.41 1.51
N VAL A 10 29.78 18.47 2.17
CA VAL A 10 28.98 19.67 2.35
C VAL A 10 28.61 20.33 1.02
N GLU A 11 29.59 20.45 0.11
CA GLU A 11 29.33 21.08 -1.17
C GLU A 11 28.32 20.30 -2.01
N LEU A 12 28.43 18.97 -1.97
CA LEU A 12 27.47 18.08 -2.63
C LEU A 12 26.05 18.31 -2.13
N LYS A 13 25.89 18.34 -0.81
CA LYS A 13 24.56 18.51 -0.22
C LYS A 13 23.97 19.86 -0.61
N GLN A 14 24.79 20.91 -0.62
CA GLN A 14 24.35 22.25 -0.99
C GLN A 14 24.07 22.39 -2.50
N SER A 15 24.98 21.87 -3.32
CA SER A 15 24.91 22.01 -4.78
C SER A 15 23.71 21.28 -5.37
N THR A 16 23.30 20.20 -4.72
CA THR A 16 22.22 19.35 -5.21
C THR A 16 20.85 19.64 -4.57
N ALA A 17 20.80 20.61 -3.66
CA ALA A 17 19.60 20.85 -2.86
C ALA A 17 18.31 21.00 -3.66
N GLN A 18 18.37 21.82 -4.72
CA GLN A 18 17.20 22.10 -5.56
C GLN A 18 16.66 20.84 -6.25
N ALA A 19 17.53 20.16 -7.00
CA ALA A 19 17.13 18.93 -7.70
C ALA A 19 16.69 17.84 -6.75
N HIS A 20 17.37 17.73 -5.60
CA HIS A 20 17.01 16.77 -4.57
C HIS A 20 15.59 17.00 -4.06
N GLU A 21 15.29 18.23 -3.65
CA GLU A 21 13.96 18.59 -3.15
C GLU A 21 12.89 18.24 -4.18
N LYS A 22 13.14 18.58 -5.44
CA LYS A 22 12.17 18.32 -6.49
C LYS A 22 11.91 16.83 -6.70
N ALA A 23 12.97 16.02 -6.66
CA ALA A 23 12.83 14.57 -6.85
C ALA A 23 12.07 13.95 -5.68
N GLU A 24 12.47 14.32 -4.47
CA GLU A 24 11.90 13.77 -3.25
C GLU A 24 10.42 14.10 -3.11
N HIS A 25 10.04 15.30 -3.57
CA HIS A 25 8.66 15.78 -3.47
C HIS A 25 7.81 15.56 -4.72
N SER A 26 8.27 14.70 -5.63
CA SER A 26 7.46 14.29 -6.78
C SER A 26 6.08 13.82 -6.36
N THR A 27 5.08 14.02 -7.21
CA THR A 27 3.72 13.58 -6.90
C THR A 27 3.68 12.08 -6.61
N PHE A 28 4.39 11.28 -7.39
CA PHE A 28 4.39 9.85 -7.22
C PHE A 28 4.87 9.46 -5.82
N MET A 29 6.05 9.95 -5.43
CA MET A 29 6.59 9.63 -4.11
C MET A 29 5.74 10.19 -3.00
N SER A 30 5.26 11.42 -3.18
CA SER A 30 4.42 12.03 -2.16
C SER A 30 3.17 11.19 -1.92
N ASP A 31 2.51 10.78 -3.00
CA ASP A 31 1.31 9.95 -2.91
C ASP A 31 1.62 8.56 -2.33
N LEU A 32 2.74 7.99 -2.75
CA LEU A 32 3.15 6.70 -2.25
C LEU A 32 3.31 6.73 -0.72
N LEU A 33 4.06 7.72 -0.23
CA LEU A 33 4.40 7.81 1.19
C LEU A 33 3.21 8.21 2.08
N LYS A 34 2.18 8.80 1.46
CA LYS A 34 0.95 9.18 2.18
C LYS A 34 -0.09 8.07 2.22
N GLY A 35 0.18 6.96 1.52
CA GLY A 35 -0.74 5.82 1.49
C GLY A 35 -1.85 5.91 0.45
N ARG A 36 -1.66 6.79 -0.53
CA ARG A 36 -2.68 7.02 -1.56
C ARG A 36 -2.58 6.08 -2.77
N LEU A 37 -1.51 5.28 -2.83
CA LEU A 37 -1.33 4.33 -3.94
C LEU A 37 -1.58 2.90 -3.45
N GLY A 38 -0.70 1.97 -3.78
CA GLY A 38 -0.89 0.58 -3.37
C GLY A 38 0.38 -0.21 -3.53
N VAL A 39 0.36 -1.48 -3.11
CA VAL A 39 1.54 -2.32 -3.25
C VAL A 39 1.95 -2.46 -4.73
N ALA A 40 1.00 -2.41 -5.65
CA ALA A 40 1.33 -2.46 -7.09
C ALA A 40 2.32 -1.36 -7.48
N GLU A 41 2.03 -0.13 -7.08
CA GLU A 41 2.90 1.00 -7.40
C GLU A 41 4.28 0.88 -6.76
N PHE A 42 4.33 0.41 -5.51
CA PHE A 42 5.61 0.14 -4.87
C PHE A 42 6.40 -0.90 -5.67
N THR A 43 5.71 -1.94 -6.13
CA THR A 43 6.34 -2.98 -6.91
C THR A 43 6.86 -2.46 -8.26
N ARG A 44 6.08 -1.62 -8.93
CA ARG A 44 6.54 -0.98 -10.17
C ARG A 44 7.79 -0.15 -9.94
N LEU A 45 7.82 0.61 -8.84
CA LEU A 45 9.00 1.38 -8.48
C LEU A 45 10.22 0.45 -8.35
N GLN A 46 10.07 -0.65 -7.62
CA GLN A 46 11.18 -1.56 -7.36
C GLN A 46 11.66 -2.27 -8.63
N GLU A 47 10.74 -2.51 -9.57
CA GLU A 47 11.10 -3.09 -10.87
C GLU A 47 11.98 -2.13 -11.67
N GLN A 48 11.57 -0.87 -11.72
CA GLN A 48 12.38 0.14 -12.41
C GLN A 48 13.73 0.33 -11.72
N ALA A 49 13.70 0.34 -10.39
CA ALA A 49 14.94 0.41 -9.63
C ALA A 49 15.89 -0.77 -9.92
N TRP A 50 15.34 -1.96 -10.08
CA TRP A 50 16.20 -3.10 -10.36
C TRP A 50 16.94 -2.87 -11.68
N LEU A 51 16.25 -2.28 -12.66
CA LEU A 51 16.89 -1.96 -13.94
C LEU A 51 18.02 -0.96 -13.79
N PHE A 52 17.79 0.15 -13.08
CA PHE A 52 18.85 1.12 -12.92
C PHE A 52 19.95 0.72 -11.93
N TYR A 53 19.62 -0.03 -10.88
CA TYR A 53 20.67 -0.54 -9.98
C TYR A 53 21.55 -1.56 -10.67
N THR A 54 20.97 -2.36 -11.56
CA THR A 54 21.78 -3.29 -12.34
C THR A 54 22.82 -2.53 -13.16
N ALA A 55 22.39 -1.45 -13.83
CA ALA A 55 23.29 -0.61 -14.62
C ALA A 55 24.29 0.10 -13.71
N LEU A 56 23.79 0.68 -12.62
CA LEU A 56 24.66 1.37 -11.68
C LEU A 56 25.79 0.47 -11.20
N GLU A 57 25.46 -0.76 -10.86
CA GLU A 57 26.43 -1.65 -10.24
C GLU A 57 27.47 -2.17 -11.25
N GLN A 58 27.10 -2.21 -12.53
CA GLN A 58 28.10 -2.41 -13.60
C GLN A 58 29.12 -1.28 -13.63
N ALA A 59 28.62 -0.04 -13.53
CA ALA A 59 29.49 1.12 -13.53
C ALA A 59 30.35 1.17 -12.26
N VAL A 60 29.77 0.84 -11.10
CA VAL A 60 30.54 0.77 -9.85
C VAL A 60 31.64 -0.28 -9.97
N ASP A 61 31.30 -1.46 -10.47
CA ASP A 61 32.28 -2.52 -10.63
C ASP A 61 33.48 -2.07 -11.48
N ALA A 62 33.21 -1.40 -12.59
CA ALA A 62 34.28 -0.91 -13.48
C ALA A 62 35.18 0.11 -12.79
N VAL A 63 34.57 1.07 -12.11
CA VAL A 63 35.34 2.10 -11.44
C VAL A 63 36.16 1.52 -10.28
N ARG A 64 35.56 0.65 -9.47
CA ARG A 64 36.29 0.01 -8.39
C ARG A 64 37.49 -0.77 -8.94
N ALA A 65 37.25 -1.56 -9.99
CA ALA A 65 38.30 -2.36 -10.62
C ALA A 65 39.44 -1.51 -11.16
N SER A 66 39.13 -0.27 -11.53
CA SER A 66 40.15 0.65 -12.05
C SER A 66 41.06 1.19 -10.96
N GLY A 67 40.66 1.00 -9.70
CA GLY A 67 41.42 1.49 -8.55
C GLY A 67 41.04 2.89 -8.08
N PHE A 68 39.82 3.31 -8.39
CA PHE A 68 39.35 4.65 -8.02
C PHE A 68 38.28 4.56 -6.93
N ALA A 69 38.43 5.37 -5.87
CA ALA A 69 37.46 5.44 -4.76
C ALA A 69 37.11 4.07 -4.16
N GLU A 70 38.08 3.18 -4.07
CA GLU A 70 37.79 1.81 -3.64
C GLU A 70 37.08 1.69 -2.29
N SER A 71 37.53 2.44 -1.29
CA SER A 71 36.92 2.35 0.03
C SER A 71 35.48 2.86 0.04
N LEU A 72 35.17 3.84 -0.80
CA LEU A 72 33.80 4.35 -0.89
C LEU A 72 32.86 3.34 -1.53
N LEU A 73 33.37 2.67 -2.58
CA LEU A 73 32.59 1.70 -3.38
C LEU A 73 32.50 0.33 -2.71
N ASP A 74 31.96 0.33 -1.50
CA ASP A 74 31.81 -0.86 -0.68
C ASP A 74 30.84 -1.85 -1.35
N PRO A 75 31.34 -3.06 -1.73
CA PRO A 75 30.42 -4.02 -2.38
C PRO A 75 29.24 -4.47 -1.48
N ALA A 76 29.36 -4.29 -0.17
CA ALA A 76 28.24 -4.60 0.72
C ALA A 76 27.00 -3.74 0.41
N LEU A 77 27.20 -2.64 -0.31
CA LEU A 77 26.10 -1.76 -0.69
C LEU A 77 25.27 -2.29 -1.86
N ASN A 78 25.82 -3.24 -2.62
CA ASN A 78 25.12 -3.78 -3.80
C ASN A 78 23.67 -4.09 -3.47
N ARG A 79 22.77 -3.58 -4.30
CA ARG A 79 21.32 -3.76 -4.12
C ARG A 79 20.64 -4.67 -5.13
N ALA A 80 21.25 -4.89 -6.29
CA ALA A 80 20.51 -5.55 -7.36
C ALA A 80 20.01 -6.96 -7.02
N GLU A 81 20.87 -7.79 -6.44
CA GLU A 81 20.47 -9.17 -6.07
C GLU A 81 19.39 -9.19 -4.99
N VAL A 82 19.56 -8.33 -3.99
CA VAL A 82 18.59 -8.22 -2.89
C VAL A 82 17.24 -7.76 -3.44
N LEU A 83 17.29 -6.82 -4.36
CA LEU A 83 16.09 -6.29 -5.00
C LEU A 83 15.37 -7.36 -5.82
N ALA A 84 16.12 -8.16 -6.57
CA ALA A 84 15.53 -9.32 -7.27
C ALA A 84 14.77 -10.27 -6.34
N ARG A 85 15.35 -10.57 -5.19
CA ARG A 85 14.67 -11.40 -4.20
C ARG A 85 13.39 -10.73 -3.68
N ASP A 86 13.44 -9.43 -3.43
CA ASP A 86 12.24 -8.69 -3.05
C ASP A 86 11.17 -8.80 -4.14
N LEU A 87 11.58 -8.66 -5.40
CA LEU A 87 10.63 -8.69 -6.51
C LEU A 87 10.03 -10.08 -6.69
N ASP A 88 10.84 -11.11 -6.43
CA ASP A 88 10.34 -12.49 -6.44
C ASP A 88 9.19 -12.63 -5.45
N LYS A 89 9.33 -12.04 -4.27
CA LYS A 89 8.29 -12.13 -3.24
C LYS A 89 7.10 -11.24 -3.55
N LEU A 90 7.34 -10.02 -4.02
CA LEU A 90 6.26 -9.08 -4.32
C LEU A 90 5.40 -9.61 -5.47
N ASN A 91 6.06 -10.11 -6.51
CA ASN A 91 5.37 -10.62 -7.69
C ASN A 91 4.87 -12.04 -7.56
N GLY A 92 5.52 -12.83 -6.71
CA GLY A 92 5.10 -14.20 -6.42
C GLY A 92 5.66 -15.26 -7.34
N SER A 93 6.47 -14.83 -8.29
CA SER A 93 7.15 -15.71 -9.23
C SER A 93 8.31 -14.95 -9.86
N SER A 94 9.08 -15.61 -10.71
CA SER A 94 10.10 -14.96 -11.54
C SER A 94 9.54 -14.36 -12.85
N GLU A 95 8.21 -14.23 -12.97
CA GLU A 95 7.60 -13.66 -14.18
C GLU A 95 8.14 -12.30 -14.54
N TRP A 96 8.52 -11.54 -13.52
CA TRP A 96 8.78 -10.12 -13.70
C TRP A 96 9.98 -9.89 -14.60
N ARG A 97 10.95 -10.81 -14.57
CA ARG A 97 12.17 -10.68 -15.35
C ARG A 97 11.92 -10.53 -16.84
N SER A 98 10.95 -11.27 -17.36
CA SER A 98 10.61 -11.18 -18.79
C SER A 98 9.55 -10.12 -19.09
N ARG A 99 8.80 -9.70 -18.07
CA ARG A 99 7.77 -8.68 -18.27
C ARG A 99 8.33 -7.25 -18.27
N ILE A 100 9.21 -6.95 -17.32
CA ILE A 100 9.56 -5.56 -17.08
C ILE A 100 10.43 -4.98 -18.19
N THR A 101 10.23 -3.69 -18.42
CA THR A 101 11.07 -2.95 -19.35
C THR A 101 11.19 -1.51 -18.86
N ALA A 102 12.30 -0.88 -19.23
CA ALA A 102 12.62 0.46 -18.78
C ALA A 102 11.68 1.50 -19.32
N SER A 103 11.17 2.33 -18.42
CA SER A 103 10.41 3.51 -18.81
C SER A 103 11.34 4.50 -19.54
N PRO A 104 10.79 5.51 -20.24
CA PRO A 104 11.67 6.42 -20.97
C PRO A 104 12.74 7.07 -20.09
N ALA A 105 12.38 7.52 -18.88
CA ALA A 105 13.35 8.09 -17.96
C ALA A 105 14.42 7.07 -17.55
N VAL A 106 14.00 5.82 -17.31
CA VAL A 106 14.94 4.78 -16.92
C VAL A 106 15.90 4.47 -18.07
N ILE A 107 15.41 4.47 -19.31
CA ILE A 107 16.31 4.29 -20.47
C ILE A 107 17.41 5.35 -20.49
N ASP A 108 17.03 6.61 -20.27
CA ASP A 108 18.01 7.71 -20.26
C ASP A 108 19.01 7.58 -19.11
N TYR A 109 18.50 7.23 -17.94
CA TYR A 109 19.31 7.03 -16.74
C TYR A 109 20.30 5.87 -16.95
N VAL A 110 19.80 4.73 -17.39
CA VAL A 110 20.64 3.58 -17.72
C VAL A 110 21.69 3.92 -18.79
N ASN A 111 21.28 4.65 -19.82
CA ASN A 111 22.21 5.03 -20.88
C ASN A 111 23.36 5.86 -20.33
N ARG A 112 23.06 6.80 -19.43
CA ARG A 112 24.12 7.58 -18.78
C ARG A 112 25.03 6.68 -17.94
N LEU A 113 24.44 5.78 -17.17
CA LEU A 113 25.22 4.88 -16.34
C LEU A 113 26.15 4.00 -17.18
N GLU A 114 25.66 3.61 -18.36
CA GLU A 114 26.47 2.78 -19.26
C GLU A 114 27.62 3.57 -19.88
N GLU A 115 27.37 4.85 -20.17
CA GLU A 115 28.43 5.76 -20.61
C GLU A 115 29.52 5.90 -19.54
N ILE A 116 29.10 6.09 -18.29
CA ILE A 116 30.02 6.17 -17.15
C ILE A 116 30.82 4.88 -16.99
N ARG A 117 30.13 3.75 -17.11
CA ARG A 117 30.79 2.44 -17.06
C ARG A 117 31.87 2.34 -18.15
N ASP A 118 31.48 2.58 -19.40
CA ASP A 118 32.39 2.40 -20.55
C ASP A 118 33.54 3.41 -20.58
N ASN A 119 33.31 4.62 -20.07
CA ASN A 119 34.36 5.64 -19.92
C ASN A 119 35.14 5.47 -18.62
N VAL A 120 34.70 4.54 -17.78
CA VAL A 120 35.25 4.34 -16.44
C VAL A 120 35.44 5.71 -15.78
N ASP A 121 34.36 6.47 -15.77
CA ASP A 121 34.36 7.85 -15.29
C ASP A 121 34.15 7.88 -13.78
N GLY A 122 35.25 7.84 -13.03
CA GLY A 122 35.20 7.73 -11.58
C GLY A 122 34.43 8.84 -10.87
N PRO A 123 34.79 10.11 -11.13
CA PRO A 123 34.04 11.23 -10.54
C PRO A 123 32.53 11.17 -10.82
N ALA A 124 32.13 10.90 -12.06
CA ALA A 124 30.69 10.82 -12.35
C ALA A 124 30.05 9.64 -11.61
N LEU A 125 30.75 8.52 -11.52
CA LEU A 125 30.22 7.35 -10.82
C LEU A 125 29.98 7.68 -9.34
N VAL A 126 30.94 8.34 -8.70
CA VAL A 126 30.80 8.70 -7.30
C VAL A 126 29.55 9.54 -7.07
N ALA A 127 29.27 10.47 -7.99
CA ALA A 127 28.04 11.28 -7.93
C ALA A 127 26.77 10.41 -7.89
N HIS A 128 26.71 9.42 -8.78
CA HIS A 128 25.56 8.53 -8.86
C HIS A 128 25.44 7.62 -7.65
N HIS A 129 26.60 7.21 -7.12
CA HIS A 129 26.74 6.37 -5.94
C HIS A 129 26.18 7.10 -4.70
N TYR A 130 26.57 8.35 -4.54
CA TYR A 130 26.05 9.22 -3.49
C TYR A 130 24.53 9.32 -3.54
N VAL A 131 24.01 9.66 -4.72
CA VAL A 131 22.56 9.88 -4.88
C VAL A 131 21.76 8.65 -4.51
N ARG A 132 22.17 7.49 -5.01
CA ARG A 132 21.44 6.26 -4.73
C ARG A 132 21.74 5.69 -3.35
N TYR A 133 22.99 5.30 -3.10
CA TYR A 133 23.28 4.58 -1.87
C TYR A 133 23.18 5.41 -0.60
N LEU A 134 23.69 6.64 -0.61
CA LEU A 134 23.55 7.46 0.59
C LEU A 134 22.07 7.78 0.82
N GLY A 135 21.32 7.95 -0.27
CA GLY A 135 19.87 8.07 -0.17
C GLY A 135 19.22 6.86 0.47
N ASP A 136 19.60 5.67 0.02
CA ASP A 136 19.05 4.43 0.57
C ASP A 136 19.38 4.30 2.06
N LEU A 137 20.63 4.62 2.42
CA LEU A 137 21.10 4.54 3.80
C LEU A 137 20.40 5.55 4.69
N SER A 138 20.12 6.73 4.13
CA SER A 138 19.53 7.84 4.88
C SER A 138 18.04 7.67 5.10
N GLY A 139 17.31 7.39 4.02
CA GLY A 139 15.85 7.35 4.07
C GLY A 139 15.23 5.97 4.02
N GLY A 140 16.03 4.92 3.93
CA GLY A 140 15.52 3.57 3.71
C GLY A 140 14.57 3.10 4.78
N GLN A 141 14.89 3.38 6.04
CA GLN A 141 14.05 2.96 7.16
C GLN A 141 12.70 3.64 7.11
N VAL A 142 12.70 4.92 6.74
CA VAL A 142 11.47 5.70 6.60
C VAL A 142 10.57 5.10 5.52
N ILE A 143 11.13 4.87 4.33
CA ILE A 143 10.34 4.36 3.22
C ILE A 143 9.82 2.96 3.53
N ALA A 144 10.68 2.11 4.05
CA ALA A 144 10.27 0.76 4.45
C ALA A 144 9.12 0.79 5.46
N ARG A 145 9.21 1.69 6.43
CA ARG A 145 8.18 1.80 7.45
C ARG A 145 6.86 2.21 6.80
N MET A 146 6.92 3.11 5.83
CA MET A 146 5.73 3.55 5.10
C MET A 146 5.15 2.43 4.27
N MET A 147 5.99 1.57 3.68
CA MET A 147 5.45 0.48 2.88
C MET A 147 4.71 -0.53 3.74
N GLN A 148 5.20 -0.78 4.95
CA GLN A 148 4.49 -1.65 5.87
C GLN A 148 3.24 -0.99 6.41
N ARG A 149 3.35 0.29 6.80
CA ARG A 149 2.23 1.00 7.40
C ARG A 149 1.07 1.16 6.43
N HIS A 150 1.36 1.54 5.19
CA HIS A 150 0.32 1.84 4.23
C HIS A 150 -0.13 0.64 3.40
N TYR A 151 0.80 -0.24 3.06
CA TYR A 151 0.51 -1.24 2.03
C TYR A 151 0.71 -2.67 2.51
N GLY A 152 1.01 -2.84 3.80
CA GLY A 152 1.15 -4.18 4.36
C GLY A 152 2.24 -5.02 3.72
N VAL A 153 3.29 -4.38 3.21
CA VAL A 153 4.35 -5.14 2.54
C VAL A 153 5.09 -6.00 3.55
N ASP A 154 5.30 -7.26 3.19
CA ASP A 154 6.07 -8.20 3.98
C ASP A 154 7.48 -7.63 4.25
N PRO A 155 7.89 -7.50 5.53
CA PRO A 155 9.27 -7.01 5.75
C PRO A 155 10.35 -7.85 5.06
N GLU A 156 10.09 -9.13 4.82
CA GLU A 156 11.06 -9.95 4.10
C GLU A 156 11.19 -9.54 2.63
N ALA A 157 10.22 -8.77 2.13
CA ALA A 157 10.21 -8.24 0.76
C ALA A 157 10.68 -6.78 0.72
N LEU A 158 11.30 -6.34 1.81
CA LEU A 158 11.91 -5.02 1.92
C LEU A 158 13.41 -5.15 2.20
N GLY A 159 14.01 -6.24 1.73
CA GLY A 159 15.45 -6.43 1.85
C GLY A 159 16.27 -5.30 1.27
N PHE A 160 15.75 -4.70 0.20
CA PHE A 160 16.40 -3.54 -0.43
C PHE A 160 16.78 -2.46 0.58
N TYR A 161 15.94 -2.28 1.60
CA TYR A 161 16.12 -1.19 2.57
C TYR A 161 16.99 -1.58 3.78
N HIS A 162 17.46 -2.83 3.79
CA HIS A 162 18.27 -3.37 4.88
C HIS A 162 19.66 -3.67 4.35
N PHE A 163 20.68 -3.19 5.06
CA PHE A 163 22.06 -3.44 4.64
C PHE A 163 22.72 -4.45 5.58
N GLU A 164 22.78 -5.70 5.09
CA GLU A 164 23.24 -6.83 5.90
C GLU A 164 24.63 -6.65 6.47
N GLY A 165 25.55 -6.11 5.66
CA GLY A 165 26.94 -5.98 6.09
C GLY A 165 27.26 -4.77 6.95
N ILE A 166 26.22 -4.04 7.41
CA ILE A 166 26.41 -2.79 8.16
C ILE A 166 25.74 -2.78 9.53
N ALA A 167 26.56 -2.83 10.59
CA ALA A 167 26.05 -2.91 11.96
C ALA A 167 25.31 -1.65 12.43
N LYS A 168 25.85 -0.47 12.09
CA LYS A 168 25.28 0.81 12.54
C LYS A 168 25.24 1.84 11.40
N LEU A 169 24.03 2.21 11.00
CA LEU A 169 23.84 3.11 9.85
C LEU A 169 24.37 4.52 10.07
N LYS A 170 24.21 5.06 11.28
CA LYS A 170 24.65 6.42 11.57
C LYS A 170 26.15 6.59 11.40
N VAL A 171 26.91 5.67 11.98
CA VAL A 171 28.36 5.64 11.85
C VAL A 171 28.75 5.46 10.38
N TYR A 172 28.09 4.54 9.70
CA TYR A 172 28.41 4.25 8.30
C TYR A 172 28.24 5.48 7.42
N LYS A 173 27.13 6.19 7.59
CA LYS A 173 26.86 7.41 6.84
C LYS A 173 27.90 8.50 7.12
N ASP A 174 28.29 8.62 8.40
CA ASP A 174 29.33 9.57 8.78
C ASP A 174 30.66 9.21 8.11
N GLU A 175 31.01 7.92 8.15
CA GLU A 175 32.23 7.41 7.50
C GLU A 175 32.20 7.60 5.98
N TYR A 176 31.02 7.40 5.39
CA TYR A 176 30.81 7.61 3.95
C TYR A 176 31.13 9.06 3.58
N ARG A 177 30.58 10.01 4.34
CA ARG A 177 30.79 11.42 4.07
C ARG A 177 32.26 11.82 4.24
N GLU A 178 32.93 11.21 5.21
CA GLU A 178 34.36 11.45 5.39
C GLU A 178 35.19 10.92 4.23
N LYS A 179 34.78 9.77 3.69
CA LYS A 179 35.44 9.22 2.49
C LYS A 179 35.30 10.16 1.30
N LEU A 180 34.12 10.77 1.15
CA LEU A 180 33.90 11.80 0.13
C LEU A 180 34.88 12.95 0.31
N ASN A 181 34.97 13.46 1.53
CA ASN A 181 35.90 14.54 1.88
C ASN A 181 37.35 14.22 1.53
N ASN A 182 37.73 12.95 1.70
CA ASN A 182 39.12 12.54 1.50
C ASN A 182 39.47 12.05 0.10
N LEU A 183 38.50 12.08 -0.80
CA LEU A 183 38.78 11.75 -2.20
C LEU A 183 39.68 12.80 -2.83
N GLU A 184 40.77 12.34 -3.44
CA GLU A 184 41.67 13.23 -4.15
C GLU A 184 41.06 13.55 -5.52
N LEU A 185 40.65 14.81 -5.68
CA LEU A 185 40.02 15.25 -6.92
C LEU A 185 40.60 16.57 -7.35
N SER A 186 40.91 16.67 -8.65
CA SER A 186 41.27 17.95 -9.24
C SER A 186 40.02 18.82 -9.28
N ASP A 187 40.20 20.13 -9.45
CA ASP A 187 39.05 21.00 -9.64
C ASP A 187 38.14 20.52 -10.77
N GLU A 188 38.73 20.10 -11.89
CA GLU A 188 37.95 19.62 -13.02
C GLU A 188 37.11 18.39 -12.64
N GLN A 189 37.74 17.43 -11.94
CA GLN A 189 37.01 16.23 -11.46
C GLN A 189 35.88 16.60 -10.51
N ARG A 190 36.15 17.51 -9.57
CA ARG A 190 35.17 17.89 -8.57
C ARG A 190 33.96 18.58 -9.23
N GLU A 191 34.21 19.50 -10.15
CA GLU A 191 33.12 20.13 -10.88
C GLU A 191 32.28 19.13 -11.68
N HIS A 192 32.97 18.18 -12.30
CA HIS A 192 32.32 17.12 -13.07
C HIS A 192 31.38 16.29 -12.17
N LEU A 193 31.90 15.92 -11.00
CA LEU A 193 31.14 15.17 -10.00
C LEU A 193 29.92 15.94 -9.51
N LEU A 194 30.12 17.20 -9.14
CA LEU A 194 29.01 18.04 -8.64
C LEU A 194 27.90 18.19 -9.68
N LYS A 195 28.29 18.45 -10.93
CA LYS A 195 27.31 18.54 -12.01
C LYS A 195 26.55 17.22 -12.15
N GLU A 196 27.27 16.12 -12.09
CA GLU A 196 26.65 14.81 -12.32
C GLU A 196 25.65 14.49 -11.23
N ALA A 197 25.93 14.92 -10.00
CA ALA A 197 25.05 14.65 -8.87
C ALA A 197 23.68 15.31 -9.05
N THR A 198 23.67 16.55 -9.55
CA THR A 198 22.38 17.17 -9.88
C THR A 198 21.68 16.40 -11.01
N ASP A 199 22.43 16.01 -12.05
CA ASP A 199 21.84 15.23 -13.14
C ASP A 199 21.23 13.93 -12.62
N ALA A 200 21.90 13.28 -11.66
CA ALA A 200 21.42 12.02 -11.06
C ALA A 200 20.08 12.23 -10.34
N PHE A 201 19.97 13.30 -9.55
CA PHE A 201 18.68 13.60 -8.91
C PHE A 201 17.59 13.85 -9.95
N VAL A 202 17.93 14.56 -11.03
CA VAL A 202 16.96 14.82 -12.09
C VAL A 202 16.51 13.53 -12.76
N PHE A 203 17.45 12.63 -13.07
CA PHE A 203 17.05 11.33 -13.63
C PHE A 203 16.02 10.65 -12.74
N ASN A 204 16.28 10.62 -11.43
CA ASN A 204 15.39 9.96 -10.50
C ASN A 204 14.01 10.61 -10.40
N HIS A 205 13.99 11.94 -10.43
CA HIS A 205 12.75 12.70 -10.52
C HIS A 205 11.92 12.23 -11.72
N GLN A 206 12.59 12.06 -12.86
CA GLN A 206 11.91 11.65 -14.08
C GLN A 206 11.41 10.21 -14.01
N VAL A 207 12.14 9.34 -13.31
CA VAL A 207 11.67 7.98 -13.04
C VAL A 207 10.32 8.03 -12.31
N PHE A 208 10.25 8.85 -11.26
CA PHE A 208 9.02 9.00 -10.50
C PHE A 208 7.90 9.56 -11.38
N ALA A 209 8.22 10.55 -12.22
CA ALA A 209 7.22 11.14 -13.13
C ALA A 209 6.60 10.09 -14.04
N ASP A 210 7.45 9.22 -14.60
CA ASP A 210 6.96 8.12 -15.43
C ASP A 210 6.05 7.17 -14.64
N LEU A 211 6.48 6.81 -13.43
CA LEU A 211 5.71 5.90 -12.60
C LEU A 211 4.35 6.44 -12.23
N GLY A 212 4.27 7.76 -12.08
CA GLY A 212 3.04 8.42 -11.67
C GLY A 212 2.06 8.73 -12.79
N LYS A 213 2.49 8.56 -14.04
CA LYS A 213 1.66 8.94 -15.20
C LYS A 213 0.41 8.08 -15.29
N GLY A 214 -0.75 8.73 -15.32
CA GLY A 214 -2.02 8.05 -15.52
C GLY A 214 -2.61 7.44 -14.27
N LEU A 215 -2.00 7.68 -13.12
CA LEU A 215 -2.56 7.17 -11.87
C LEU A 215 -3.73 8.05 -11.41
N GLY B 7 -5.92 -0.97 25.11
CA GLY B 7 -5.82 -2.06 24.11
C GLY B 7 -6.35 -1.69 22.74
N LEU B 8 -6.25 -2.65 21.81
CA LEU B 8 -6.54 -2.40 20.38
C LEU B 8 -8.00 -2.04 20.08
N ALA B 9 -8.96 -2.73 20.71
CA ALA B 9 -10.37 -2.44 20.42
C ALA B 9 -10.70 -0.96 20.71
N VAL B 10 -10.22 -0.46 21.84
CA VAL B 10 -10.43 0.95 22.20
C VAL B 10 -9.72 1.89 21.22
N GLU B 11 -8.45 1.62 20.93
CA GLU B 11 -7.71 2.48 19.99
C GLU B 11 -8.33 2.46 18.59
N LEU B 12 -8.83 1.30 18.17
CA LEU B 12 -9.49 1.16 16.89
C LEU B 12 -10.73 2.05 16.77
N LYS B 13 -11.57 2.02 17.80
CA LYS B 13 -12.76 2.88 17.84
C LYS B 13 -12.36 4.36 17.81
N GLN B 14 -11.36 4.72 18.61
CA GLN B 14 -10.92 6.12 18.70
C GLN B 14 -10.28 6.62 17.40
N SER B 15 -9.42 5.79 16.83
CA SER B 15 -8.69 6.13 15.60
C SER B 15 -9.66 6.32 14.41
N THR B 16 -10.74 5.55 14.39
CA THR B 16 -11.67 5.59 13.27
C THR B 16 -12.86 6.53 13.48
N ALA B 17 -12.89 7.22 14.62
CA ALA B 17 -14.10 7.98 15.01
C ALA B 17 -14.59 8.98 13.97
N GLN B 18 -13.70 9.80 13.43
CA GLN B 18 -14.09 10.83 12.46
C GLN B 18 -14.65 10.23 11.17
N ALA B 19 -13.92 9.28 10.60
CA ALA B 19 -14.38 8.61 9.37
C ALA B 19 -15.69 7.84 9.61
N HIS B 20 -15.80 7.22 10.78
CA HIS B 20 -17.00 6.49 11.14
C HIS B 20 -18.22 7.43 11.18
N GLU B 21 -18.09 8.54 11.91
CA GLU B 21 -19.20 9.50 12.01
C GLU B 21 -19.64 10.03 10.64
N LYS B 22 -18.66 10.34 9.79
CA LYS B 22 -18.95 10.80 8.44
C LYS B 22 -19.71 9.74 7.62
N ALA B 23 -19.27 8.49 7.71
CA ALA B 23 -19.90 7.39 6.96
C ALA B 23 -21.32 7.10 7.43
N GLU B 24 -21.49 7.07 8.75
CA GLU B 24 -22.77 6.74 9.37
C GLU B 24 -23.82 7.81 9.06
N HIS B 25 -23.39 9.06 8.94
CA HIS B 25 -24.30 10.19 8.74
C HIS B 25 -24.42 10.67 7.30
N SER B 26 -24.01 9.84 6.36
CA SER B 26 -24.24 10.10 4.94
C SER B 26 -25.72 10.38 4.69
N THR B 27 -26.00 11.33 3.80
CA THR B 27 -27.38 11.69 3.50
C THR B 27 -28.23 10.51 3.04
N PHE B 28 -27.66 9.67 2.17
CA PHE B 28 -28.40 8.51 1.66
C PHE B 28 -28.83 7.57 2.78
N MET B 29 -27.87 7.19 3.62
CA MET B 29 -28.17 6.25 4.71
C MET B 29 -29.09 6.90 5.73
N SER B 30 -28.88 8.19 6.01
CA SER B 30 -29.75 8.94 6.94
C SER B 30 -31.19 8.98 6.43
N ASP B 31 -31.36 9.33 5.16
CA ASP B 31 -32.67 9.36 4.53
C ASP B 31 -33.33 7.98 4.51
N LEU B 32 -32.55 6.95 4.23
CA LEU B 32 -33.06 5.58 4.19
C LEU B 32 -33.59 5.16 5.55
N LEU B 33 -32.79 5.42 6.58
CA LEU B 33 -33.13 4.96 7.93
C LEU B 33 -34.31 5.69 8.55
N LYS B 34 -34.55 6.95 8.16
CA LYS B 34 -35.63 7.74 8.75
C LYS B 34 -36.95 7.66 7.97
N GLY B 35 -36.95 6.96 6.84
CA GLY B 35 -38.17 6.67 6.11
C GLY B 35 -38.45 7.53 4.90
N ARG B 36 -37.46 8.31 4.46
CA ARG B 36 -37.63 9.22 3.33
C ARG B 36 -37.48 8.56 1.96
N LEU B 37 -36.89 7.37 1.94
CA LEU B 37 -36.63 6.68 0.68
C LEU B 37 -37.62 5.54 0.47
N GLY B 38 -37.15 4.32 0.21
CA GLY B 38 -38.06 3.21 -0.04
C GLY B 38 -37.33 1.91 -0.26
N VAL B 39 -38.10 0.86 -0.55
CA VAL B 39 -37.54 -0.46 -0.79
C VAL B 39 -36.60 -0.45 -2.01
N ALA B 40 -36.90 0.37 -3.01
CA ALA B 40 -36.04 0.43 -4.20
C ALA B 40 -34.60 0.83 -3.82
N GLU B 41 -34.48 1.89 -3.03
CA GLU B 41 -33.16 2.36 -2.60
C GLU B 41 -32.48 1.33 -1.70
N PHE B 42 -33.24 0.69 -0.81
CA PHE B 42 -32.66 -0.38 0.00
C PHE B 42 -32.13 -1.51 -0.89
N THR B 43 -32.87 -1.82 -1.94
CA THR B 43 -32.46 -2.89 -2.86
C THR B 43 -31.18 -2.49 -3.62
N ARG B 44 -31.12 -1.25 -4.08
CA ARG B 44 -29.89 -0.76 -4.72
C ARG B 44 -28.67 -0.89 -3.79
N LEU B 45 -28.85 -0.51 -2.52
CA LEU B 45 -27.79 -0.67 -1.54
C LEU B 45 -27.33 -2.12 -1.43
N GLN B 46 -28.29 -3.04 -1.29
CA GLN B 46 -27.97 -4.45 -1.09
C GLN B 46 -27.31 -5.10 -2.32
N GLU B 47 -27.65 -4.60 -3.50
CA GLU B 47 -26.99 -5.04 -4.73
C GLU B 47 -25.51 -4.66 -4.73
N GLN B 48 -25.21 -3.41 -4.39
CA GLN B 48 -23.81 -2.98 -4.25
C GLN B 48 -23.11 -3.76 -3.15
N ALA B 49 -23.82 -3.99 -2.03
CA ALA B 49 -23.26 -4.75 -0.92
C ALA B 49 -22.90 -6.17 -1.35
N TRP B 50 -23.72 -6.80 -2.20
CA TRP B 50 -23.39 -8.14 -2.63
C TRP B 50 -22.07 -8.18 -3.38
N LEU B 51 -21.83 -7.15 -4.20
CA LEU B 51 -20.55 -7.04 -4.91
C LEU B 51 -19.37 -6.90 -3.95
N PHE B 52 -19.47 -6.02 -2.96
CA PHE B 52 -18.33 -5.88 -2.06
C PHE B 52 -18.20 -6.99 -0.99
N TYR B 53 -19.31 -7.57 -0.53
CA TYR B 53 -19.23 -8.75 0.36
C TYR B 53 -18.60 -9.94 -0.37
N THR B 54 -18.89 -10.09 -1.66
CA THR B 54 -18.27 -11.16 -2.43
C THR B 54 -16.75 -11.01 -2.40
N ALA B 55 -16.27 -9.80 -2.69
CA ALA B 55 -14.84 -9.51 -2.63
C ALA B 55 -14.29 -9.63 -1.20
N LEU B 56 -15.01 -9.09 -0.23
CA LEU B 56 -14.59 -9.19 1.17
C LEU B 56 -14.38 -10.65 1.60
N GLU B 57 -15.35 -11.50 1.29
CA GLU B 57 -15.30 -12.88 1.75
C GLU B 57 -14.25 -13.72 1.01
N GLN B 58 -13.91 -13.34 -0.23
CA GLN B 58 -12.74 -13.94 -0.88
C GLN B 58 -11.46 -13.56 -0.14
N ALA B 59 -11.36 -12.30 0.28
CA ALA B 59 -10.18 -11.88 1.08
C ALA B 59 -10.14 -12.57 2.45
N VAL B 60 -11.32 -12.70 3.08
CA VAL B 60 -11.39 -13.40 4.38
C VAL B 60 -10.94 -14.86 4.23
N ASP B 61 -11.44 -15.52 3.19
CA ASP B 61 -11.09 -16.92 2.95
C ASP B 61 -9.58 -17.11 2.76
N ALA B 62 -8.96 -16.20 2.01
CA ALA B 62 -7.53 -16.27 1.76
C ALA B 62 -6.74 -16.05 3.05
N VAL B 63 -7.12 -15.03 3.81
CA VAL B 63 -6.40 -14.72 5.06
C VAL B 63 -6.59 -15.82 6.11
N ARG B 64 -7.82 -16.31 6.26
CA ARG B 64 -8.07 -17.42 7.18
C ARG B 64 -7.22 -18.63 6.80
N ALA B 65 -7.21 -18.97 5.50
CA ALA B 65 -6.46 -20.15 5.05
C ALA B 65 -4.97 -19.99 5.35
N SER B 66 -4.48 -18.76 5.26
CA SER B 66 -3.06 -18.50 5.52
C SER B 66 -2.69 -18.64 6.99
N GLY B 67 -3.68 -18.69 7.87
CA GLY B 67 -3.44 -18.92 9.30
C GLY B 67 -3.45 -17.70 10.19
N PHE B 68 -3.94 -16.56 9.67
CA PHE B 68 -3.95 -15.32 10.44
C PHE B 68 -5.35 -15.04 10.98
N ALA B 69 -5.40 -14.64 12.25
CA ALA B 69 -6.66 -14.21 12.89
C ALA B 69 -7.79 -15.24 12.78
N GLU B 70 -7.45 -16.53 12.82
CA GLU B 70 -8.44 -17.60 12.60
C GLU B 70 -9.69 -17.45 13.45
N SER B 71 -9.51 -17.22 14.76
CA SER B 71 -10.65 -17.17 15.66
C SER B 71 -11.59 -15.98 15.39
N LEU B 72 -11.04 -14.89 14.85
CA LEU B 72 -11.84 -13.73 14.48
C LEU B 72 -12.67 -13.99 13.23
N LEU B 73 -12.10 -14.74 12.28
CA LEU B 73 -12.67 -14.88 10.95
C LEU B 73 -13.69 -16.02 10.88
N ASP B 74 -14.74 -15.86 11.69
CA ASP B 74 -15.77 -16.86 11.88
C ASP B 74 -16.58 -17.03 10.59
N PRO B 75 -16.55 -18.24 9.99
CA PRO B 75 -17.32 -18.41 8.75
C PRO B 75 -18.83 -18.22 8.92
N ALA B 76 -19.34 -18.28 10.15
CA ALA B 76 -20.76 -18.01 10.38
C ALA B 76 -21.15 -16.59 9.97
N LEU B 77 -20.17 -15.70 9.87
CA LEU B 77 -20.43 -14.32 9.46
C LEU B 77 -20.71 -14.15 7.97
N ASN B 78 -20.32 -15.14 7.15
CA ASN B 78 -20.46 -15.03 5.70
C ASN B 78 -21.86 -14.55 5.31
N ARG B 79 -21.90 -13.51 4.50
CA ARG B 79 -23.16 -12.88 4.06
C ARG B 79 -23.51 -13.07 2.59
N ALA B 80 -22.53 -13.38 1.74
CA ALA B 80 -22.79 -13.28 0.29
C ALA B 80 -23.98 -14.15 -0.18
N GLU B 81 -24.00 -15.41 0.25
CA GLU B 81 -25.05 -16.35 -0.15
C GLU B 81 -26.41 -15.94 0.40
N VAL B 82 -26.46 -15.56 1.67
CA VAL B 82 -27.69 -15.09 2.30
C VAL B 82 -28.20 -13.84 1.58
N LEU B 83 -27.29 -12.94 1.26
CA LEU B 83 -27.64 -11.68 0.60
C LEU B 83 -28.20 -11.90 -0.81
N ALA B 84 -27.60 -12.82 -1.56
CA ALA B 84 -28.10 -13.17 -2.87
C ALA B 84 -29.56 -13.65 -2.80
N ARG B 85 -29.88 -14.44 -1.76
CA ARG B 85 -31.25 -14.87 -1.56
C ARG B 85 -32.18 -13.70 -1.25
N ASP B 86 -31.72 -12.74 -0.43
CA ASP B 86 -32.51 -11.53 -0.17
C ASP B 86 -32.78 -10.80 -1.48
N LEU B 87 -31.76 -10.71 -2.34
CA LEU B 87 -31.89 -10.02 -3.62
C LEU B 87 -32.85 -10.72 -4.59
N ASP B 88 -32.85 -12.06 -4.57
CA ASP B 88 -33.82 -12.84 -5.35
C ASP B 88 -35.23 -12.46 -4.92
N LYS B 89 -35.45 -12.31 -3.61
CA LYS B 89 -36.75 -11.94 -3.08
C LYS B 89 -37.12 -10.50 -3.42
N LEU B 90 -36.19 -9.57 -3.18
CA LEU B 90 -36.43 -8.15 -3.45
C LEU B 90 -36.70 -7.88 -4.94
N ASN B 91 -35.93 -8.54 -5.80
CA ASN B 91 -36.05 -8.34 -7.25
C ASN B 91 -37.01 -9.30 -7.96
N GLY B 92 -37.44 -10.35 -7.27
CA GLY B 92 -38.43 -11.28 -7.82
C GLY B 92 -37.88 -12.38 -8.69
N SER B 93 -36.57 -12.32 -8.97
CA SER B 93 -35.87 -13.35 -9.74
C SER B 93 -34.36 -13.16 -9.66
N SER B 94 -33.63 -13.97 -10.42
CA SER B 94 -32.17 -13.88 -10.50
C SER B 94 -31.67 -12.84 -11.49
N GLU B 95 -32.58 -12.08 -12.09
CA GLU B 95 -32.24 -11.09 -13.12
C GLU B 95 -31.11 -10.14 -12.70
N TRP B 96 -31.10 -9.81 -11.41
CA TRP B 96 -30.16 -8.82 -10.88
C TRP B 96 -28.70 -9.18 -11.13
N ARG B 97 -28.40 -10.48 -11.17
CA ARG B 97 -27.04 -10.95 -11.39
C ARG B 97 -26.38 -10.41 -12.67
N SER B 98 -27.13 -10.45 -13.77
CA SER B 98 -26.64 -9.98 -15.06
C SER B 98 -26.82 -8.48 -15.25
N ARG B 99 -27.69 -7.87 -14.44
CA ARG B 99 -28.01 -6.45 -14.55
C ARG B 99 -27.07 -5.55 -13.74
N ILE B 100 -26.82 -5.90 -12.48
CA ILE B 100 -26.11 -4.99 -11.58
C ILE B 100 -24.67 -4.75 -12.01
N THR B 101 -24.19 -3.55 -11.74
CA THR B 101 -22.78 -3.25 -11.94
C THR B 101 -22.29 -2.34 -10.82
N ALA B 102 -21.01 -2.50 -10.48
CA ALA B 102 -20.41 -1.74 -9.39
C ALA B 102 -20.40 -0.25 -9.68
N SER B 103 -20.84 0.54 -8.70
CA SER B 103 -20.71 1.99 -8.79
C SER B 103 -19.22 2.37 -8.75
N PRO B 104 -18.86 3.60 -9.16
CA PRO B 104 -17.45 4.01 -9.04
C PRO B 104 -16.85 3.76 -7.66
N ALA B 105 -17.58 4.08 -6.60
CA ALA B 105 -17.08 3.85 -5.24
C ALA B 105 -16.90 2.36 -4.95
N VAL B 106 -17.81 1.54 -5.47
CA VAL B 106 -17.73 0.10 -5.24
C VAL B 106 -16.57 -0.51 -6.03
N ILE B 107 -16.32 0.01 -7.23
CA ILE B 107 -15.12 -0.40 -7.96
C ILE B 107 -13.86 -0.17 -7.10
N ASP B 108 -13.72 1.01 -6.50
CA ASP B 108 -12.54 1.28 -5.66
C ASP B 108 -12.47 0.37 -4.43
N TYR B 109 -13.62 0.12 -3.80
CA TYR B 109 -13.69 -0.69 -2.59
C TYR B 109 -13.32 -2.13 -2.90
N VAL B 110 -13.93 -2.67 -3.96
CA VAL B 110 -13.62 -4.02 -4.44
C VAL B 110 -12.13 -4.14 -4.82
N ASN B 111 -11.59 -3.13 -5.50
CA ASN B 111 -10.16 -3.13 -5.83
C ASN B 111 -9.30 -3.29 -4.57
N ARG B 112 -9.62 -2.54 -3.51
CA ARG B 112 -8.84 -2.65 -2.28
C ARG B 112 -8.96 -4.05 -1.68
N LEU B 113 -10.17 -4.58 -1.64
CA LEU B 113 -10.40 -5.90 -1.08
C LEU B 113 -9.65 -6.98 -1.85
N GLU B 114 -9.62 -6.84 -3.18
CA GLU B 114 -8.87 -7.77 -4.02
C GLU B 114 -7.35 -7.63 -3.85
N GLU B 115 -6.89 -6.40 -3.64
CA GLU B 115 -5.48 -6.14 -3.33
C GLU B 115 -5.09 -6.79 -2.00
N ILE B 116 -5.95 -6.67 -1.01
CA ILE B 116 -5.75 -7.33 0.28
C ILE B 116 -5.69 -8.84 0.13
N ARG B 117 -6.63 -9.40 -0.63
CA ARG B 117 -6.62 -10.84 -0.91
C ARG B 117 -5.33 -11.28 -1.61
N ASP B 118 -4.95 -10.56 -2.67
CA ASP B 118 -3.74 -10.91 -3.43
C ASP B 118 -2.45 -10.82 -2.62
N ASN B 119 -2.37 -9.82 -1.75
CA ASN B 119 -1.20 -9.62 -0.89
C ASN B 119 -1.33 -10.39 0.43
N VAL B 120 -2.40 -11.19 0.55
CA VAL B 120 -2.74 -11.91 1.80
C VAL B 120 -2.39 -11.05 3.02
N ASP B 121 -3.02 -9.89 3.05
CA ASP B 121 -2.71 -8.85 4.03
C ASP B 121 -3.66 -9.01 5.22
N GLY B 122 -3.23 -9.80 6.18
CA GLY B 122 -4.05 -10.15 7.34
C GLY B 122 -4.55 -8.96 8.13
N PRO B 123 -3.63 -8.11 8.62
CA PRO B 123 -4.05 -6.92 9.37
C PRO B 123 -5.05 -6.02 8.61
N ALA B 124 -4.82 -5.79 7.32
CA ALA B 124 -5.78 -5.02 6.53
C ALA B 124 -7.14 -5.71 6.47
N LEU B 125 -7.11 -7.03 6.28
CA LEU B 125 -8.34 -7.80 6.22
C LEU B 125 -9.14 -7.64 7.52
N VAL B 126 -8.47 -7.78 8.66
CA VAL B 126 -9.15 -7.64 9.94
C VAL B 126 -9.84 -6.27 10.07
N ALA B 127 -9.16 -5.21 9.63
CA ALA B 127 -9.75 -3.88 9.65
C ALA B 127 -11.07 -3.84 8.87
N HIS B 128 -11.08 -4.42 7.68
CA HIS B 128 -12.26 -4.39 6.83
C HIS B 128 -13.39 -5.28 7.38
N HIS B 129 -12.98 -6.38 7.99
CA HIS B 129 -13.87 -7.34 8.63
C HIS B 129 -14.60 -6.67 9.80
N TYR B 130 -13.85 -5.95 10.62
CA TYR B 130 -14.42 -5.20 11.74
C TYR B 130 -15.46 -4.20 11.25
N VAL B 131 -15.10 -3.37 10.28
CA VAL B 131 -15.99 -2.31 9.82
C VAL B 131 -17.31 -2.86 9.28
N ARG B 132 -17.25 -3.90 8.45
CA ARG B 132 -18.49 -4.48 7.93
C ARG B 132 -19.25 -5.31 8.95
N TYR B 133 -18.62 -6.34 9.51
CA TYR B 133 -19.41 -7.29 10.31
C TYR B 133 -19.83 -6.73 11.66
N LEU B 134 -18.97 -6.00 12.34
CA LEU B 134 -19.43 -5.38 13.59
C LEU B 134 -20.49 -4.29 13.33
N GLY B 135 -20.42 -3.65 12.17
CA GLY B 135 -21.51 -2.76 11.73
C GLY B 135 -22.81 -3.54 11.57
N ASP B 136 -22.73 -4.69 10.88
CA ASP B 136 -23.92 -5.49 10.62
C ASP B 136 -24.57 -5.96 11.92
N LEU B 137 -23.73 -6.28 12.90
CA LEU B 137 -24.17 -6.79 14.20
C LEU B 137 -24.68 -5.69 15.13
N SER B 138 -24.59 -4.44 14.70
CA SER B 138 -25.03 -3.30 15.53
C SER B 138 -26.00 -2.40 14.73
N GLY B 139 -25.48 -1.43 13.99
CA GLY B 139 -26.32 -0.59 13.12
C GLY B 139 -27.22 -1.37 12.18
N GLY B 140 -26.71 -2.47 11.64
CA GLY B 140 -27.47 -3.31 10.74
C GLY B 140 -28.78 -3.81 11.35
N GLN B 141 -28.77 -4.08 12.65
CA GLN B 141 -29.98 -4.52 13.32
C GLN B 141 -31.05 -3.43 13.32
N VAL B 142 -30.61 -2.17 13.47
CA VAL B 142 -31.53 -1.04 13.38
C VAL B 142 -32.07 -0.90 11.95
N ILE B 143 -31.18 -1.00 10.96
CA ILE B 143 -31.57 -0.97 9.56
C ILE B 143 -32.66 -2.00 9.27
N ALA B 144 -32.45 -3.25 9.69
CA ALA B 144 -33.43 -4.29 9.42
C ALA B 144 -34.80 -3.96 10.02
N ARG B 145 -34.81 -3.47 11.25
CA ARG B 145 -36.05 -3.12 11.92
C ARG B 145 -36.78 -2.01 11.17
N MET B 146 -36.02 -1.02 10.72
CA MET B 146 -36.61 0.12 10.05
C MET B 146 -36.99 -0.14 8.60
N MET B 147 -36.34 -1.06 7.91
CA MET B 147 -36.82 -1.42 6.57
C MET B 147 -38.20 -2.04 6.63
N GLN B 148 -38.40 -2.88 7.65
CA GLN B 148 -39.71 -3.47 7.88
C GLN B 148 -40.69 -2.39 8.32
N ARG B 149 -40.36 -1.62 9.35
CA ARG B 149 -41.29 -0.63 9.87
C ARG B 149 -41.63 0.50 8.91
N HIS B 150 -40.63 1.11 8.30
CA HIS B 150 -40.90 2.23 7.38
C HIS B 150 -41.48 1.81 6.04
N TYR B 151 -40.93 0.74 5.46
CA TYR B 151 -41.21 0.41 4.07
C TYR B 151 -41.94 -0.90 3.85
N GLY B 152 -42.23 -1.62 4.92
CA GLY B 152 -42.95 -2.89 4.81
C GLY B 152 -42.14 -4.01 4.15
N VAL B 153 -40.83 -3.89 4.15
CA VAL B 153 -39.99 -4.97 3.61
C VAL B 153 -40.28 -6.23 4.43
N ASP B 154 -40.52 -7.34 3.75
CA ASP B 154 -40.76 -8.57 4.49
C ASP B 154 -39.46 -9.08 5.09
N PRO B 155 -39.46 -9.41 6.41
CA PRO B 155 -38.23 -9.93 7.03
C PRO B 155 -37.59 -11.13 6.31
N GLU B 156 -38.35 -11.82 5.47
CA GLU B 156 -37.77 -12.85 4.58
C GLU B 156 -36.70 -12.30 3.61
N ALA B 157 -36.77 -11.01 3.29
CA ALA B 157 -35.80 -10.33 2.43
C ALA B 157 -34.73 -9.56 3.24
N LEU B 158 -34.67 -9.86 4.53
CA LEU B 158 -33.73 -9.23 5.47
C LEU B 158 -32.84 -10.29 6.14
N GLY B 159 -32.67 -11.43 5.48
CA GLY B 159 -31.79 -12.50 5.98
C GLY B 159 -30.38 -12.02 6.25
N PHE B 160 -29.93 -11.05 5.46
CA PHE B 160 -28.61 -10.45 5.62
C PHE B 160 -28.31 -10.03 7.06
N TYR B 161 -29.33 -9.51 7.74
CA TYR B 161 -29.18 -8.97 9.08
C TYR B 161 -29.37 -10.00 10.18
N HIS B 162 -29.73 -11.23 9.80
CA HIS B 162 -29.85 -12.33 10.74
C HIS B 162 -28.65 -13.26 10.63
N PHE B 163 -27.93 -13.45 11.74
CA PHE B 163 -26.77 -14.35 11.74
C PHE B 163 -27.11 -15.67 12.43
N GLU B 164 -27.23 -16.74 11.64
CA GLU B 164 -27.54 -18.06 12.17
C GLU B 164 -26.34 -18.65 12.90
N GLY B 165 -26.59 -19.30 14.03
CA GLY B 165 -25.51 -19.86 14.83
C GLY B 165 -24.92 -18.84 15.78
N ILE B 166 -25.25 -17.57 15.55
CA ILE B 166 -24.99 -16.53 16.54
C ILE B 166 -26.29 -16.35 17.33
N ALA B 167 -26.22 -16.64 18.63
CA ALA B 167 -27.42 -16.62 19.48
C ALA B 167 -27.59 -15.33 20.27
N LYS B 168 -26.49 -14.79 20.80
CA LYS B 168 -26.52 -13.55 21.59
C LYS B 168 -25.48 -12.53 21.11
N LEU B 169 -25.98 -11.45 20.51
CA LEU B 169 -25.13 -10.47 19.84
C LEU B 169 -24.19 -9.73 20.78
N LYS B 170 -24.66 -9.37 21.98
CA LYS B 170 -23.81 -8.65 22.94
C LYS B 170 -22.58 -9.47 23.32
N VAL B 171 -22.79 -10.78 23.58
CA VAL B 171 -21.70 -11.69 23.91
C VAL B 171 -20.75 -11.81 22.73
N TYR B 172 -21.32 -11.94 21.53
CA TYR B 172 -20.52 -12.11 20.32
C TYR B 172 -19.60 -10.91 20.11
N LYS B 173 -20.16 -9.70 20.24
CA LYS B 173 -19.41 -8.48 20.04
C LYS B 173 -18.33 -8.29 21.13
N ASP B 174 -18.66 -8.61 22.37
CA ASP B 174 -17.68 -8.54 23.46
C ASP B 174 -16.51 -9.51 23.22
N GLU B 175 -16.82 -10.71 22.72
CA GLU B 175 -15.77 -11.70 22.41
C GLU B 175 -14.91 -11.29 21.22
N TYR B 176 -15.53 -10.68 20.22
CA TYR B 176 -14.80 -10.13 19.07
C TYR B 176 -13.78 -9.10 19.54
N ARG B 177 -14.21 -8.18 20.40
CA ARG B 177 -13.31 -7.13 20.85
C ARG B 177 -12.16 -7.68 21.70
N GLU B 178 -12.44 -8.73 22.47
CA GLU B 178 -11.37 -9.40 23.23
C GLU B 178 -10.37 -10.09 22.30
N LYS B 179 -10.86 -10.70 21.22
CA LYS B 179 -9.99 -11.28 20.21
C LYS B 179 -9.08 -10.23 19.57
N LEU B 180 -9.63 -9.05 19.26
CA LEU B 180 -8.84 -7.92 18.78
C LEU B 180 -7.72 -7.55 19.75
N ASN B 181 -8.06 -7.44 21.02
CA ASN B 181 -7.10 -7.11 22.08
C ASN B 181 -5.96 -8.11 22.20
N ASN B 182 -6.25 -9.36 21.88
CA ASN B 182 -5.26 -10.44 22.01
C ASN B 182 -4.57 -10.82 20.70
N LEU B 183 -4.91 -10.11 19.62
CA LEU B 183 -4.31 -10.41 18.31
C LEU B 183 -2.87 -9.90 18.29
N GLU B 184 -1.92 -10.80 18.08
CA GLU B 184 -0.49 -10.45 18.04
C GLU B 184 -0.15 -9.71 16.75
N LEU B 185 0.41 -8.52 16.90
CA LEU B 185 0.73 -7.64 15.77
C LEU B 185 2.04 -6.94 16.03
N SER B 186 2.85 -6.78 14.99
CA SER B 186 3.99 -5.89 15.09
C SER B 186 3.47 -4.45 15.12
N ASP B 187 4.33 -3.50 15.49
CA ASP B 187 3.94 -2.11 15.52
C ASP B 187 3.46 -1.68 14.13
N GLU B 188 4.19 -2.12 13.10
CA GLU B 188 3.85 -1.79 11.73
C GLU B 188 2.50 -2.38 11.31
N GLN B 189 2.27 -3.65 11.67
CA GLN B 189 0.98 -4.29 11.37
C GLN B 189 -0.18 -3.59 12.06
N ARG B 190 0.04 -3.16 13.30
CA ARG B 190 -0.99 -2.47 14.06
C ARG B 190 -1.31 -1.11 13.44
N GLU B 191 -0.26 -0.36 13.07
CA GLU B 191 -0.45 0.92 12.36
C GLU B 191 -1.23 0.72 11.07
N HIS B 192 -0.89 -0.35 10.34
CA HIS B 192 -1.55 -0.66 9.08
C HIS B 192 -3.03 -1.00 9.28
N LEU B 193 -3.32 -1.81 10.30
CA LEU B 193 -4.70 -2.17 10.62
C LEU B 193 -5.53 -0.91 10.90
N LEU B 194 -4.96 -0.01 11.71
CA LEU B 194 -5.65 1.25 12.03
C LEU B 194 -5.87 2.12 10.79
N LYS B 195 -4.83 2.27 9.98
CA LYS B 195 -4.91 3.02 8.71
C LYS B 195 -6.05 2.45 7.88
N GLU B 196 -6.03 1.14 7.66
CA GLU B 196 -7.01 0.48 6.82
C GLU B 196 -8.45 0.62 7.33
N ALA B 197 -8.63 0.61 8.65
CA ALA B 197 -9.97 0.70 9.23
C ALA B 197 -10.63 2.04 8.90
N THR B 198 -9.85 3.13 8.98
CA THR B 198 -10.37 4.42 8.55
C THR B 198 -10.69 4.40 7.05
N ASP B 199 -9.80 3.82 6.24
CA ASP B 199 -10.07 3.70 4.80
C ASP B 199 -11.37 2.94 4.54
N ALA B 200 -11.60 1.88 5.31
CA ALA B 200 -12.82 1.07 5.18
C ALA B 200 -14.08 1.89 5.43
N PHE B 201 -14.08 2.71 6.48
CA PHE B 201 -15.23 3.60 6.70
C PHE B 201 -15.43 4.57 5.52
N VAL B 202 -14.33 5.13 5.04
CA VAL B 202 -14.40 6.08 3.91
C VAL B 202 -14.94 5.40 2.64
N PHE B 203 -14.48 4.18 2.36
CA PHE B 203 -15.01 3.42 1.22
C PHE B 203 -16.53 3.31 1.32
N ASN B 204 -17.01 2.96 2.50
CA ASN B 204 -18.44 2.81 2.71
C ASN B 204 -19.23 4.11 2.60
N HIS B 205 -18.65 5.20 3.10
CA HIS B 205 -19.22 6.54 2.90
C HIS B 205 -19.40 6.83 1.41
N GLN B 206 -18.37 6.52 0.62
CA GLN B 206 -18.42 6.76 -0.81
C GLN B 206 -19.48 5.90 -1.51
N VAL B 207 -19.68 4.67 -1.04
CA VAL B 207 -20.75 3.82 -1.58
C VAL B 207 -22.10 4.52 -1.39
N PHE B 208 -22.33 5.02 -0.19
CA PHE B 208 -23.57 5.78 0.09
C PHE B 208 -23.73 7.01 -0.79
N ALA B 209 -22.64 7.74 -1.01
CA ALA B 209 -22.68 8.94 -1.84
C ALA B 209 -23.11 8.63 -3.27
N ASP B 210 -22.57 7.54 -3.83
CA ASP B 210 -22.95 7.10 -5.17
C ASP B 210 -24.41 6.65 -5.24
N LEU B 211 -24.89 6.00 -4.17
CA LEU B 211 -26.29 5.59 -4.11
C LEU B 211 -27.25 6.79 -4.09
N GLY B 212 -26.81 7.91 -3.53
CA GLY B 212 -27.60 9.15 -3.56
C GLY B 212 -27.67 9.80 -4.93
N LYS B 213 -26.75 9.43 -5.82
CA LYS B 213 -26.67 9.99 -7.17
C LYS B 213 -27.44 9.15 -8.20
#